data_5OW4
#
_entry.id   5OW4
#
_cell.length_a   150.090
_cell.length_b   150.090
_cell.length_c   123.780
_cell.angle_alpha   90.00
_cell.angle_beta   90.00
_cell.angle_gamma   120.00
#
_symmetry.space_group_name_H-M   'P 61 2 2'
#
loop_
_entity.id
_entity.type
_entity.pdbx_description
1 polymer 'Uncharacterized protein'
2 water water
#
_entity_poly.entity_id   1
_entity_poly.type   'polypeptide(L)'
_entity_poly.pdbx_seq_one_letter_code
;RSAEGLLLASSSIEQCDRVGTDNSLPCEKKLVVTLSVDSDQAEDVEEFVILRDAVDKTKGTGEEHVEFQPIRLTTSKSRV
QYSYPLFYERNFNAKPYEEEITTELVGCDDTFSPKATCGLAMDTAGRPIPYSQGFCCRCGPCQLLGLCPVGSRGLQVCDI
FRGAALASCLRFGELWYSGYSMGSATIWYRLSVKLTTDSQNNSKTKEAVFELGPDVLSGSSAEFGAWVSLIGDFVPAELP
LVLSNKMLFIPSSPRIHERVLAGQKEWLILDKHHVSMQGRDCNKVGVSYEAFSGQGSRCQLIRGSCLADQLEDYRSSDLA
VEARGGRGKYLARFFGDFVVNNVNNSRTRLSYWMRGSLATMLTVVISADRLQYLVSVSPGEIVSAVMSKSTVEESSRDGS
VSVIVRNIGHVTAQYTLGVGNCSGNVFPIMAQTLSLRPRGTVIRSFDLNIQDVAEERIVQCDVTLRDAKGAITDKKILKF
RVTSKVLTNDTQGGNAPTGGGASVDGQAPPACSRCEWYKISCFLIHGCWWQPLVYVLIAIAILLGIYYFFGLGPFEDDDD
KAGWSHPQFEKGGGSGGGSGGGSWSHPQFEK
;
_entity_poly.pdbx_strand_id   A
#
# COMPACT_ATOMS: atom_id res chain seq x y z
N SER A 76 -41.17 -2.92 18.26
CA SER A 76 -40.95 -1.57 18.75
C SER A 76 -39.45 -1.22 18.81
N LYS A 77 -38.63 -2.13 19.41
CA LYS A 77 -37.19 -2.00 19.57
C LYS A 77 -36.41 -2.30 18.29
N SER A 78 -35.34 -1.52 18.03
CA SER A 78 -34.41 -1.65 16.91
C SER A 78 -33.00 -1.91 17.45
N ARG A 79 -32.06 -2.32 16.59
CA ARG A 79 -30.68 -2.57 17.04
C ARG A 79 -29.91 -1.25 17.04
N VAL A 80 -28.83 -1.17 17.85
CA VAL A 80 -27.96 0.01 17.88
C VAL A 80 -27.06 -0.03 16.64
N GLN A 81 -27.02 1.08 15.88
CA GLN A 81 -26.21 1.16 14.68
C GLN A 81 -25.13 2.22 14.81
N TYR A 82 -23.95 1.92 14.26
CA TYR A 82 -22.84 2.84 14.25
C TYR A 82 -22.39 3.09 12.82
N SER A 83 -22.54 4.35 12.38
CA SER A 83 -22.16 4.78 11.03
C SER A 83 -21.02 5.77 11.07
N TYR A 84 -20.14 5.67 10.06
CA TYR A 84 -18.95 6.49 9.87
C TYR A 84 -18.95 7.01 8.45
N PRO A 85 -18.66 8.30 8.21
CA PRO A 85 -18.62 8.78 6.82
C PRO A 85 -17.34 8.34 6.11
N LEU A 86 -17.46 7.89 4.85
CA LEU A 86 -16.29 7.48 4.08
C LEU A 86 -15.81 8.59 3.16
N PHE A 87 -14.50 8.85 3.18
CA PHE A 87 -13.88 9.89 2.36
C PHE A 87 -12.81 9.28 1.46
N TYR A 88 -13.07 9.21 0.12
CA TYR A 88 -12.09 8.65 -0.82
C TYR A 88 -10.83 9.49 -0.83
N GLU A 89 -9.67 8.84 -0.73
CA GLU A 89 -8.39 9.52 -0.70
C GLU A 89 -7.61 9.35 -2.00
N ARG A 90 -7.31 8.10 -2.36
CA ARG A 90 -6.56 7.72 -3.56
C ARG A 90 -6.60 6.22 -3.76
N ASN A 91 -5.96 5.76 -4.82
CA ASN A 91 -5.82 4.34 -5.10
C ASN A 91 -4.42 3.95 -4.67
N PHE A 92 -4.31 2.80 -3.99
CA PHE A 92 -3.07 2.25 -3.48
C PHE A 92 -2.78 0.91 -4.18
N ASN A 93 -1.56 0.72 -4.72
CA ASN A 93 -1.19 -0.52 -5.38
C ASN A 93 -0.95 -1.61 -4.34
N ALA A 94 -1.46 -2.83 -4.59
CA ALA A 94 -1.39 -3.98 -3.67
C ALA A 94 0.03 -4.37 -3.32
N LYS A 95 0.90 -4.56 -4.35
CA LYS A 95 2.29 -4.93 -4.16
C LYS A 95 3.20 -4.32 -5.23
N PRO A 96 3.73 -3.10 -4.94
CA PRO A 96 4.71 -2.50 -5.84
C PRO A 96 6.01 -3.33 -5.81
N TYR A 97 6.78 -3.30 -6.89
CA TYR A 97 7.99 -4.10 -6.99
C TYR A 97 9.10 -3.38 -7.78
N GLU A 98 10.36 -3.80 -7.59
CA GLU A 98 11.50 -3.24 -8.30
C GLU A 98 11.89 -4.14 -9.46
N GLU A 99 11.78 -3.60 -10.68
CA GLU A 99 12.19 -4.28 -11.91
C GLU A 99 13.64 -3.88 -12.15
N GLU A 100 14.49 -4.84 -12.48
CA GLU A 100 15.89 -4.60 -12.78
C GLU A 100 16.17 -4.83 -14.28
N ILE A 101 16.60 -3.78 -14.98
CA ILE A 101 16.88 -3.81 -16.41
C ILE A 101 18.38 -3.83 -16.71
N THR A 102 18.82 -4.90 -17.39
CA THR A 102 20.22 -5.08 -17.82
C THR A 102 20.49 -4.21 -19.06
N THR A 103 21.66 -3.53 -19.08
CA THR A 103 22.00 -2.63 -20.18
C THR A 103 23.23 -3.08 -20.97
N VAL A 106 22.66 0.36 -25.94
CA VAL A 106 23.36 1.42 -25.22
C VAL A 106 23.28 1.18 -23.68
N GLY A 107 24.03 1.99 -22.91
CA GLY A 107 24.11 1.90 -21.46
C GLY A 107 22.91 2.44 -20.71
N CYS A 108 22.90 2.22 -19.37
CA CYS A 108 21.87 2.64 -18.41
C CYS A 108 21.65 4.15 -18.44
N ASP A 109 20.40 4.56 -18.66
CA ASP A 109 20.01 5.95 -18.71
C ASP A 109 18.98 6.23 -17.64
N ASP A 110 19.30 7.15 -16.74
CA ASP A 110 18.41 7.58 -15.67
C ASP A 110 18.12 9.09 -15.79
N THR A 111 18.20 9.63 -17.00
CA THR A 111 17.93 11.05 -17.24
C THR A 111 16.44 11.30 -17.29
N PHE A 112 16.00 12.51 -16.89
CA PHE A 112 14.58 12.92 -16.90
C PHE A 112 14.18 13.27 -18.35
N SER A 113 14.06 12.23 -19.17
CA SER A 113 13.76 12.29 -20.60
C SER A 113 13.10 10.96 -20.98
N PRO A 114 12.42 10.85 -22.17
CA PRO A 114 11.80 9.55 -22.53
C PRO A 114 12.81 8.48 -22.94
N LYS A 115 14.09 8.89 -23.10
CA LYS A 115 15.24 8.04 -23.43
C LYS A 115 15.75 7.19 -22.25
N ALA A 116 15.17 7.36 -21.04
CA ALA A 116 15.55 6.63 -19.83
C ALA A 116 15.24 5.13 -19.95
N THR A 117 16.04 4.30 -19.26
CA THR A 117 15.93 2.83 -19.28
C THR A 117 14.56 2.36 -18.77
N CYS A 118 14.07 2.91 -17.63
CA CYS A 118 12.75 2.57 -17.07
C CYS A 118 11.69 3.27 -17.91
N GLY A 119 12.09 4.38 -18.51
CA GLY A 119 11.20 5.22 -19.29
C GLY A 119 10.54 6.25 -18.39
N LEU A 120 10.06 7.34 -18.98
CA LEU A 120 9.37 8.39 -18.25
C LEU A 120 7.86 8.10 -18.15
N ALA A 121 7.27 8.33 -16.99
CA ALA A 121 5.83 8.17 -16.83
C ALA A 121 5.19 9.52 -16.99
N MET A 122 3.97 9.55 -17.54
CA MET A 122 3.28 10.80 -17.75
C MET A 122 1.85 10.84 -17.25
N ASP A 123 1.43 11.99 -16.67
CA ASP A 123 0.04 12.15 -16.23
C ASP A 123 -0.81 12.32 -17.51
N THR A 124 -2.15 12.18 -17.39
CA THR A 124 -3.07 12.29 -18.54
C THR A 124 -2.94 13.57 -19.35
N ALA A 125 -2.25 14.60 -18.81
CA ALA A 125 -2.05 15.86 -19.52
C ALA A 125 -0.78 15.87 -20.36
N GLY A 126 0.00 14.80 -20.26
CA GLY A 126 1.28 14.64 -20.97
C GLY A 126 2.44 15.28 -20.25
N ARG A 127 2.30 15.52 -18.95
CA ARG A 127 3.37 16.09 -18.14
C ARG A 127 4.18 14.97 -17.46
N PRO A 128 5.53 15.05 -17.50
CA PRO A 128 6.34 13.98 -16.92
C PRO A 128 6.24 13.92 -15.40
N ILE A 129 6.03 12.71 -14.86
CA ILE A 129 5.94 12.48 -13.41
C ILE A 129 7.38 12.48 -12.83
N PRO A 130 7.74 13.43 -11.95
CA PRO A 130 9.12 13.42 -11.42
C PRO A 130 9.45 12.14 -10.67
N TYR A 131 10.70 11.70 -10.81
CA TYR A 131 11.29 10.52 -10.19
C TYR A 131 10.82 9.18 -10.80
N SER A 132 9.95 9.22 -11.84
CA SER A 132 9.44 7.99 -12.45
C SER A 132 10.45 7.19 -13.29
N GLN A 133 11.58 7.84 -13.71
CA GLN A 133 12.60 7.20 -14.56
C GLN A 133 13.56 6.26 -13.79
N GLY A 134 13.35 6.16 -12.48
CA GLY A 134 14.16 5.33 -11.60
C GLY A 134 15.55 5.89 -11.38
N PHE A 135 16.55 4.99 -11.29
CA PHE A 135 17.97 5.26 -11.08
C PHE A 135 18.88 4.09 -11.49
N CYS A 136 20.12 4.38 -11.84
CA CYS A 136 21.12 3.39 -12.24
C CYS A 136 21.99 3.09 -11.07
N CYS A 137 22.54 1.87 -11.07
CA CYS A 137 23.45 1.39 -10.04
C CYS A 137 24.61 0.67 -10.67
N ARG A 138 25.81 1.08 -10.30
CA ARG A 138 27.04 0.45 -10.76
C ARG A 138 27.68 -0.17 -9.53
N CYS A 139 28.63 -1.11 -9.72
CA CYS A 139 29.37 -1.78 -8.65
C CYS A 139 29.78 -0.78 -7.55
N GLY A 140 30.51 0.27 -7.93
CA GLY A 140 30.91 1.34 -7.02
C GLY A 140 31.78 0.88 -5.88
N PRO A 141 31.57 1.38 -4.64
CA PRO A 141 32.43 0.94 -3.52
C PRO A 141 32.10 -0.48 -3.06
N CYS A 142 31.08 -1.12 -3.67
CA CYS A 142 30.72 -2.50 -3.35
C CYS A 142 31.84 -3.45 -3.72
N GLN A 143 32.82 -2.96 -4.56
CA GLN A 143 34.09 -3.58 -4.96
C GLN A 143 34.75 -4.10 -3.67
N LEU A 144 34.97 -3.18 -2.70
CA LEU A 144 35.57 -3.42 -1.40
C LEU A 144 34.82 -4.51 -0.66
N LEU A 145 35.53 -5.62 -0.35
CA LEU A 145 34.95 -6.75 0.36
C LEU A 145 34.36 -6.34 1.71
N GLY A 146 33.11 -6.75 1.91
CA GLY A 146 32.35 -6.53 3.14
C GLY A 146 31.88 -5.13 3.43
N LEU A 147 31.76 -4.27 2.39
CA LEU A 147 31.25 -2.91 2.61
C LEU A 147 29.73 -2.88 2.40
N CYS A 148 29.27 -3.34 1.23
CA CYS A 148 27.86 -3.40 0.89
C CYS A 148 27.20 -4.63 1.51
N PRO A 149 25.94 -4.55 1.99
CA PRO A 149 25.30 -5.73 2.59
C PRO A 149 24.98 -6.79 1.56
N VAL A 150 24.78 -8.05 2.00
CA VAL A 150 24.42 -9.13 1.09
C VAL A 150 23.06 -8.81 0.46
N GLY A 151 22.99 -8.97 -0.86
CA GLY A 151 21.76 -8.72 -1.62
C GLY A 151 21.58 -7.28 -2.05
N SER A 152 22.59 -6.40 -1.82
CA SER A 152 22.53 -4.99 -2.21
C SER A 152 22.57 -4.79 -3.72
N ARG A 153 22.02 -3.66 -4.17
CA ARG A 153 21.89 -3.27 -5.58
C ARG A 153 23.24 -3.24 -6.29
N GLY A 154 24.19 -2.52 -5.72
CA GLY A 154 25.53 -2.35 -6.24
C GLY A 154 26.30 -3.65 -6.33
N LEU A 155 26.22 -4.46 -5.24
CA LEU A 155 26.90 -5.75 -5.11
C LEU A 155 26.49 -6.72 -6.20
N GLN A 156 25.21 -6.68 -6.61
CA GLN A 156 24.71 -7.52 -7.70
C GLN A 156 25.41 -7.18 -9.02
N VAL A 157 25.85 -5.92 -9.18
CA VAL A 157 26.58 -5.48 -10.37
C VAL A 157 28.01 -6.03 -10.28
N CYS A 158 28.74 -5.85 -9.14
CA CYS A 158 30.10 -6.37 -8.93
C CYS A 158 30.23 -7.84 -9.31
N ASP A 159 29.23 -8.65 -8.91
CA ASP A 159 29.20 -10.11 -9.08
C ASP A 159 28.76 -10.62 -10.48
N ILE A 160 27.66 -10.09 -11.05
CA ILE A 160 27.14 -10.60 -12.33
C ILE A 160 27.38 -9.67 -13.53
N PHE A 161 27.39 -8.33 -13.33
CA PHE A 161 27.49 -7.39 -14.47
C PHE A 161 28.50 -6.23 -14.26
N ARG A 162 29.68 -6.52 -13.67
CA ARG A 162 30.71 -5.51 -13.39
C ARG A 162 31.16 -4.76 -14.64
N GLY A 163 31.33 -3.46 -14.50
CA GLY A 163 31.68 -2.57 -15.60
C GLY A 163 30.43 -1.88 -16.13
N ALA A 164 29.32 -2.64 -16.18
CA ALA A 164 28.01 -2.19 -16.61
C ALA A 164 27.24 -1.58 -15.43
N ALA A 165 26.00 -1.10 -15.69
CA ALA A 165 25.09 -0.51 -14.73
C ALA A 165 23.72 -1.15 -14.84
N LEU A 166 23.02 -1.27 -13.70
CA LEU A 166 21.67 -1.81 -13.67
C LEU A 166 20.67 -0.76 -13.22
N ALA A 167 19.55 -0.67 -13.97
CA ALA A 167 18.46 0.25 -13.68
C ALA A 167 17.53 -0.34 -12.65
N SER A 168 17.14 0.49 -11.67
CA SER A 168 16.20 0.17 -10.60
C SER A 168 14.92 0.90 -10.96
N CYS A 169 13.83 0.16 -11.25
CA CYS A 169 12.57 0.79 -11.64
C CYS A 169 11.45 0.43 -10.73
N LEU A 170 10.69 1.43 -10.28
CA LEU A 170 9.52 1.12 -9.45
C LEU A 170 8.37 0.78 -10.38
N ARG A 171 7.81 -0.39 -10.17
CA ARG A 171 6.70 -0.88 -10.97
C ARG A 171 5.57 -1.23 -10.03
N PHE A 172 4.33 -1.10 -10.53
CA PHE A 172 3.13 -1.36 -9.77
C PHE A 172 2.48 -2.65 -10.22
N GLY A 173 2.07 -3.46 -9.24
CA GLY A 173 1.38 -4.72 -9.46
C GLY A 173 0.08 -4.59 -10.22
N GLU A 174 -0.55 -5.73 -10.53
CA GLU A 174 -1.80 -5.77 -11.28
C GLU A 174 -2.95 -5.20 -10.44
N LEU A 175 -3.05 -5.67 -9.19
CA LEU A 175 -4.11 -5.33 -8.25
C LEU A 175 -3.92 -3.99 -7.55
N TRP A 176 -5.03 -3.22 -7.46
CA TRP A 176 -5.15 -1.91 -6.83
C TRP A 176 -6.31 -1.87 -5.83
N TYR A 177 -6.17 -1.08 -4.76
CA TYR A 177 -7.17 -0.89 -3.70
C TYR A 177 -7.57 0.58 -3.60
N SER A 178 -8.83 0.86 -3.20
CA SER A 178 -9.29 2.23 -2.99
C SER A 178 -9.20 2.56 -1.50
N GLY A 179 -8.48 3.63 -1.18
CA GLY A 179 -8.29 4.06 0.20
C GLY A 179 -9.33 5.07 0.62
N TYR A 180 -9.98 4.84 1.78
CA TYR A 180 -11.02 5.71 2.35
C TYR A 180 -10.69 6.11 3.75
N SER A 181 -10.75 7.40 4.05
CA SER A 181 -10.56 7.93 5.40
C SER A 181 -11.92 7.85 6.08
N MET A 182 -11.96 7.85 7.42
CA MET A 182 -13.25 7.71 8.10
C MET A 182 -13.49 8.78 9.14
N GLY A 183 -14.76 9.13 9.33
CA GLY A 183 -15.16 10.14 10.30
C GLY A 183 -15.43 9.56 11.68
N SER A 184 -16.28 10.26 12.44
CA SER A 184 -16.67 9.84 13.78
C SER A 184 -17.92 8.98 13.70
N ALA A 185 -18.11 8.12 14.73
CA ALA A 185 -19.26 7.23 14.83
C ALA A 185 -20.48 8.02 15.29
N THR A 186 -21.61 7.83 14.60
CA THR A 186 -22.88 8.47 14.96
C THR A 186 -23.89 7.34 15.29
N ILE A 187 -24.41 7.33 16.54
CA ILE A 187 -25.34 6.31 17.05
C ILE A 187 -26.73 6.41 16.37
N TRP A 188 -27.45 5.26 16.27
CA TRP A 188 -28.79 5.16 15.70
C TRP A 188 -29.64 4.11 16.40
N TYR A 189 -30.95 4.40 16.57
CA TYR A 189 -32.02 3.55 17.13
C TYR A 189 -33.42 4.13 16.84
N ARG A 190 -34.49 3.34 17.13
CA ARG A 190 -35.91 3.72 16.95
C ARG A 190 -36.84 2.91 17.85
N LEU A 191 -37.82 3.60 18.50
CA LEU A 191 -38.84 2.99 19.37
C LEU A 191 -40.25 3.27 18.87
N PHE A 234 -27.88 8.98 27.49
CA PHE A 234 -27.87 7.57 27.12
C PHE A 234 -26.45 6.96 27.07
N VAL A 235 -26.26 5.79 27.73
CA VAL A 235 -24.98 5.06 27.77
C VAL A 235 -25.12 3.73 26.97
N PRO A 236 -24.21 3.47 25.99
CA PRO A 236 -24.35 2.23 25.20
C PRO A 236 -23.70 0.99 25.83
N ALA A 237 -24.10 -0.20 25.32
CA ALA A 237 -23.59 -1.51 25.74
C ALA A 237 -22.11 -1.60 25.36
N GLU A 238 -21.81 -1.74 24.04
CA GLU A 238 -20.45 -1.77 23.51
C GLU A 238 -20.10 -0.36 23.02
N LEU A 239 -18.89 0.12 23.35
CA LEU A 239 -18.46 1.44 22.90
C LEU A 239 -18.04 1.37 21.41
N PRO A 240 -18.48 2.34 20.55
CA PRO A 240 -18.12 2.25 19.12
C PRO A 240 -16.62 2.36 18.88
N LEU A 241 -16.10 1.59 17.90
CA LEU A 241 -14.65 1.60 17.61
C LEU A 241 -14.20 2.87 16.93
N VAL A 242 -13.02 3.39 17.34
CA VAL A 242 -12.42 4.58 16.74
C VAL A 242 -11.88 4.17 15.35
N LEU A 243 -12.50 4.72 14.29
CA LEU A 243 -12.08 4.42 12.91
C LEU A 243 -11.50 5.64 12.22
N SER A 244 -11.53 6.79 12.91
CA SER A 244 -11.04 8.07 12.40
C SER A 244 -9.55 8.01 12.06
N ASN A 245 -8.73 7.44 12.97
CA ASN A 245 -7.28 7.31 12.83
C ASN A 245 -6.84 6.12 11.94
N LYS A 246 -7.80 5.47 11.25
CA LYS A 246 -7.53 4.33 10.40
C LYS A 246 -7.95 4.59 8.95
N MET A 247 -7.62 3.67 8.04
CA MET A 247 -7.97 3.74 6.64
C MET A 247 -8.53 2.40 6.12
N LEU A 248 -9.63 2.46 5.34
CA LEU A 248 -10.28 1.31 4.75
C LEU A 248 -9.79 1.17 3.30
N PHE A 249 -9.37 -0.05 2.94
CA PHE A 249 -8.87 -0.40 1.61
C PHE A 249 -9.76 -1.43 0.95
N ILE A 250 -10.27 -1.13 -0.25
CA ILE A 250 -11.19 -2.01 -0.97
C ILE A 250 -10.65 -2.30 -2.36
N PRO A 251 -10.41 -3.58 -2.75
CA PRO A 251 -9.92 -3.86 -4.12
C PRO A 251 -10.78 -3.16 -5.17
N SER A 252 -10.14 -2.39 -6.10
CA SER A 252 -10.87 -1.60 -7.09
C SER A 252 -10.63 -1.98 -8.55
N SER A 253 -9.41 -2.44 -8.92
CA SER A 253 -9.13 -2.83 -10.30
C SER A 253 -8.16 -4.01 -10.34
N PRO A 254 -8.16 -4.90 -11.38
CA PRO A 254 -8.85 -4.82 -12.70
C PRO A 254 -10.35 -5.17 -12.80
N ARG A 255 -11.13 -5.17 -11.68
CA ARG A 255 -12.59 -5.42 -11.63
C ARG A 255 -12.96 -6.89 -11.85
N ILE A 256 -12.52 -7.49 -12.97
CA ILE A 256 -12.75 -8.90 -13.30
C ILE A 256 -11.96 -9.84 -12.37
N HIS A 257 -10.98 -9.28 -11.63
CA HIS A 257 -10.09 -9.96 -10.67
C HIS A 257 -10.84 -10.63 -9.52
N GLU A 258 -10.36 -11.82 -9.12
CA GLU A 258 -10.88 -12.64 -8.02
C GLU A 258 -11.16 -11.84 -6.75
N ARG A 259 -10.16 -11.05 -6.31
CA ARG A 259 -10.18 -10.23 -5.10
C ARG A 259 -11.22 -9.12 -5.08
N VAL A 260 -11.47 -8.51 -6.25
CA VAL A 260 -12.46 -7.45 -6.41
C VAL A 260 -13.85 -8.06 -6.20
N LEU A 261 -14.09 -9.22 -6.90
CA LEU A 261 -15.33 -10.01 -6.85
C LEU A 261 -15.61 -10.56 -5.46
N ALA A 262 -14.55 -10.88 -4.69
CA ALA A 262 -14.59 -11.44 -3.34
C ALA A 262 -15.27 -10.55 -2.26
N GLY A 263 -15.59 -9.29 -2.62
CA GLY A 263 -16.26 -8.33 -1.76
C GLY A 263 -15.60 -8.01 -0.43
N GLN A 264 -16.44 -7.77 0.60
CA GLN A 264 -16.04 -7.40 1.96
C GLN A 264 -15.01 -8.34 2.58
N LYS A 265 -15.00 -9.62 2.18
CA LYS A 265 -14.06 -10.63 2.66
C LYS A 265 -12.60 -10.14 2.52
N GLU A 266 -12.30 -9.39 1.42
CA GLU A 266 -10.97 -8.91 1.06
C GLU A 266 -10.63 -7.43 1.44
N TRP A 267 -11.53 -6.71 2.15
CA TRP A 267 -11.30 -5.33 2.62
C TRP A 267 -10.24 -5.35 3.73
N LEU A 268 -9.40 -4.31 3.79
CA LEU A 268 -8.35 -4.20 4.82
C LEU A 268 -8.50 -2.90 5.59
N ILE A 269 -8.16 -2.92 6.88
CA ILE A 269 -8.24 -1.75 7.75
C ILE A 269 -6.90 -1.54 8.45
N LEU A 270 -6.16 -0.48 8.06
CA LEU A 270 -4.86 -0.19 8.68
C LEU A 270 -4.85 1.15 9.40
N ASP A 271 -3.98 1.30 10.40
CA ASP A 271 -3.79 2.58 11.09
C ASP A 271 -3.07 3.49 10.06
N LYS A 272 -3.50 4.76 9.96
CA LYS A 272 -2.94 5.78 9.06
C LYS A 272 -1.42 5.89 9.16
N HIS A 273 -0.85 5.42 10.29
CA HIS A 273 0.58 5.34 10.58
C HIS A 273 1.29 4.47 9.53
N HIS A 274 0.61 3.44 9.02
CA HIS A 274 1.14 2.51 8.01
C HIS A 274 0.97 3.01 6.58
N VAL A 275 0.31 4.17 6.41
CA VAL A 275 0.01 4.76 5.11
C VAL A 275 0.86 6.00 4.84
N SER A 276 1.41 6.09 3.61
CA SER A 276 2.12 7.25 3.10
C SER A 276 1.23 7.73 1.97
N MET A 277 0.42 8.78 2.25
CA MET A 277 -0.55 9.36 1.32
C MET A 277 0.06 9.83 0.03
N GLN A 278 1.05 10.72 0.12
CA GLN A 278 1.75 11.33 -1.00
C GLN A 278 2.85 10.44 -1.62
N GLY A 279 3.27 9.39 -0.92
CA GLY A 279 4.27 8.47 -1.44
C GLY A 279 5.69 8.92 -1.19
N ARG A 280 5.89 9.96 -0.36
CA ARG A 280 7.24 10.43 -0.03
C ARG A 280 7.91 9.55 1.03
N ASP A 281 7.15 8.65 1.70
CA ASP A 281 7.67 7.81 2.78
C ASP A 281 7.84 6.34 2.42
N CYS A 282 9.04 5.82 2.69
CA CYS A 282 9.43 4.44 2.46
C CYS A 282 8.72 3.45 3.38
N ASN A 283 8.55 2.22 2.88
CA ASN A 283 8.00 1.06 3.55
C ASN A 283 6.59 1.28 4.12
N LYS A 284 5.80 2.15 3.46
CA LYS A 284 4.42 2.44 3.87
C LYS A 284 3.48 2.25 2.67
N VAL A 285 2.17 2.11 2.95
CA VAL A 285 1.16 1.90 1.91
C VAL A 285 0.96 3.19 1.12
N GLY A 286 1.20 3.11 -0.20
CA GLY A 286 1.09 4.26 -1.08
C GLY A 286 2.44 4.83 -1.48
N VAL A 287 3.53 4.16 -1.04
CA VAL A 287 4.92 4.49 -1.38
C VAL A 287 5.04 4.66 -2.91
N SER A 288 5.75 5.69 -3.35
CA SER A 288 5.87 5.96 -4.79
C SER A 288 7.30 6.40 -5.18
N TYR A 289 7.46 6.83 -6.45
CA TYR A 289 8.70 7.28 -7.07
C TYR A 289 9.54 8.17 -6.18
N GLU A 290 8.91 9.15 -5.50
CA GLU A 290 9.63 10.11 -4.66
C GLU A 290 10.40 9.44 -3.53
N ALA A 291 9.82 8.42 -2.91
CA ALA A 291 10.45 7.67 -1.82
C ALA A 291 11.44 6.66 -2.34
N PHE A 292 11.17 6.02 -3.51
CA PHE A 292 12.00 5.00 -4.13
C PHE A 292 13.39 5.53 -4.49
N SER A 293 13.47 6.57 -5.36
CA SER A 293 14.73 7.28 -5.63
C SER A 293 14.77 8.19 -4.40
N GLY A 294 15.85 8.88 -4.12
CA GLY A 294 15.79 9.72 -2.94
C GLY A 294 16.03 9.00 -1.63
N GLN A 295 16.16 7.67 -1.69
CA GLN A 295 16.59 6.81 -0.59
C GLN A 295 18.09 7.14 -0.46
N GLY A 296 18.54 7.45 0.74
CA GLY A 296 19.95 7.74 0.95
C GLY A 296 20.81 6.53 0.69
N SER A 297 21.89 6.70 -0.12
CA SER A 297 22.83 5.64 -0.46
C SER A 297 22.14 4.42 -1.11
N ARG A 298 21.12 4.68 -1.95
CA ARG A 298 20.24 3.71 -2.63
C ARG A 298 20.96 2.49 -3.26
N CYS A 299 22.14 2.69 -3.89
CA CYS A 299 22.83 1.58 -4.55
C CYS A 299 23.52 0.65 -3.57
N GLN A 300 23.86 1.11 -2.37
CA GLN A 300 24.48 0.30 -1.32
C GLN A 300 23.38 -0.30 -0.41
N LEU A 301 22.11 -0.27 -0.85
CA LEU A 301 20.96 -0.80 -0.11
C LEU A 301 20.47 -2.09 -0.76
N ILE A 302 19.73 -2.92 -0.02
CA ILE A 302 19.18 -4.21 -0.46
C ILE A 302 18.23 -4.02 -1.64
N ARG A 303 18.25 -4.93 -2.63
CA ARG A 303 17.35 -4.86 -3.78
C ARG A 303 15.91 -4.94 -3.26
N GLY A 304 15.06 -4.07 -3.77
CA GLY A 304 13.67 -4.01 -3.34
C GLY A 304 13.45 -3.21 -2.07
N SER A 305 14.50 -2.52 -1.56
CA SER A 305 14.36 -1.67 -0.36
C SER A 305 13.36 -0.57 -0.61
N CYS A 306 12.64 -0.14 0.44
CA CYS A 306 11.61 0.89 0.41
C CYS A 306 10.22 0.28 0.14
N LEU A 307 10.16 -0.89 -0.52
CA LEU A 307 8.88 -1.48 -0.91
C LEU A 307 8.36 -2.57 0.07
N ALA A 308 8.74 -2.44 1.35
CA ALA A 308 8.33 -3.35 2.42
C ALA A 308 7.01 -2.90 3.02
N ASP A 309 6.37 -3.78 3.81
CA ASP A 309 5.12 -3.52 4.53
C ASP A 309 4.02 -2.90 3.66
N GLN A 310 3.68 -3.57 2.56
CA GLN A 310 2.62 -3.15 1.64
C GLN A 310 1.29 -3.83 1.98
N LEU A 311 0.21 -3.56 1.21
CA LEU A 311 -1.09 -4.14 1.46
C LEU A 311 -1.06 -5.65 1.38
N GLU A 312 -0.43 -6.18 0.32
CA GLU A 312 -0.28 -7.62 0.12
C GLU A 312 0.35 -8.30 1.34
N ASP A 313 1.39 -7.66 1.91
CA ASP A 313 2.10 -8.12 3.10
C ASP A 313 1.16 -8.14 4.29
N TYR A 314 0.31 -7.09 4.43
CA TYR A 314 -0.67 -6.98 5.52
C TYR A 314 -1.72 -8.09 5.46
N ARG A 315 -2.15 -8.45 4.22
CA ARG A 315 -3.12 -9.52 3.96
C ARG A 315 -2.46 -10.86 4.29
N SER A 316 -1.34 -11.17 3.62
CA SER A 316 -0.59 -12.40 3.80
C SER A 316 -0.27 -12.71 5.26
N SER A 317 0.17 -11.69 6.04
CA SER A 317 0.43 -11.84 7.48
C SER A 317 -0.81 -12.28 8.24
N ASP A 318 -2.00 -11.84 7.81
CA ASP A 318 -3.25 -12.21 8.49
C ASP A 318 -3.64 -13.63 8.15
N LEU A 319 -3.71 -13.96 6.85
CA LEU A 319 -4.07 -15.29 6.35
C LEU A 319 -3.20 -16.40 6.96
N ALA A 320 -1.89 -16.14 7.11
CA ALA A 320 -0.95 -17.08 7.71
C ALA A 320 -1.27 -17.29 9.20
N VAL A 321 -1.39 -16.18 9.96
CA VAL A 321 -1.71 -16.15 11.41
C VAL A 321 -3.10 -16.81 11.66
N GLU A 322 -4.03 -16.70 10.68
CA GLU A 322 -5.37 -17.30 10.77
C GLU A 322 -5.27 -18.83 10.68
N ALA A 323 -4.49 -19.37 9.72
CA ALA A 323 -4.23 -20.80 9.51
C ALA A 323 -3.48 -21.44 10.71
N ARG A 324 -2.82 -20.59 11.51
CA ARG A 324 -2.03 -20.88 12.71
C ARG A 324 -2.94 -20.74 13.96
N GLY A 325 -4.23 -20.50 13.75
CA GLY A 325 -5.22 -20.32 14.80
C GLY A 325 -5.07 -19.06 15.66
N GLY A 326 -4.44 -18.04 15.09
CA GLY A 326 -4.19 -16.77 15.75
C GLY A 326 -5.18 -15.68 15.40
N ARG A 327 -5.03 -14.51 16.04
CA ARG A 327 -5.90 -13.35 15.85
C ARG A 327 -5.42 -12.47 14.67
N GLY A 328 -6.29 -12.33 13.65
CA GLY A 328 -6.04 -11.47 12.50
C GLY A 328 -6.19 -10.03 12.95
N LYS A 329 -5.31 -9.13 12.46
CA LYS A 329 -5.30 -7.73 12.92
C LYS A 329 -5.57 -6.66 11.82
N TYR A 330 -5.61 -7.07 10.54
CA TYR A 330 -5.71 -6.11 9.45
C TYR A 330 -6.95 -6.24 8.59
N LEU A 331 -7.30 -7.45 8.11
CA LEU A 331 -8.51 -7.62 7.29
C LEU A 331 -9.74 -7.14 8.05
N ALA A 332 -10.68 -6.48 7.34
CA ALA A 332 -11.87 -5.89 7.93
C ALA A 332 -12.72 -6.89 8.72
N ARG A 333 -12.78 -8.17 8.26
CA ARG A 333 -13.55 -9.23 8.94
C ARG A 333 -13.16 -9.39 10.42
N PHE A 334 -11.88 -9.18 10.80
CA PHE A 334 -11.44 -9.25 12.19
C PHE A 334 -11.90 -8.06 13.04
N PHE A 335 -12.49 -7.04 12.40
CA PHE A 335 -12.99 -5.84 13.08
C PHE A 335 -14.49 -5.95 13.31
N GLY A 336 -15.18 -6.61 12.37
CA GLY A 336 -16.61 -6.84 12.40
C GLY A 336 -17.23 -7.04 11.03
N ASP A 337 -18.58 -7.05 10.99
CA ASP A 337 -19.35 -7.16 9.74
C ASP A 337 -19.93 -5.79 9.49
N PHE A 338 -19.55 -5.20 8.34
CA PHE A 338 -19.92 -3.85 7.96
C PHE A 338 -20.87 -3.79 6.77
N VAL A 339 -21.42 -2.60 6.50
CA VAL A 339 -22.31 -2.31 5.37
C VAL A 339 -22.03 -0.92 4.81
N VAL A 340 -21.82 -0.84 3.49
CA VAL A 340 -21.54 0.42 2.81
C VAL A 340 -22.71 0.78 1.89
N ASN A 341 -23.45 1.83 2.31
CA ASN A 341 -24.61 2.39 1.62
C ASN A 341 -24.26 3.69 0.92
N ASN A 342 -24.83 3.91 -0.26
CA ASN A 342 -24.58 5.11 -1.06
C ASN A 342 -25.66 6.20 -0.85
N VAL A 343 -25.87 6.58 0.43
CA VAL A 343 -26.86 7.58 0.87
C VAL A 343 -26.32 9.02 0.65
N ASN A 344 -27.12 9.85 -0.08
CA ASN A 344 -26.86 11.24 -0.46
C ASN A 344 -25.60 11.38 -1.32
N THR A 348 -21.67 8.67 1.00
CA THR A 348 -21.38 7.28 1.33
C THR A 348 -20.94 7.11 2.80
N ARG A 349 -21.52 6.09 3.48
CA ARG A 349 -21.26 5.78 4.89
C ARG A 349 -20.89 4.30 5.07
N LEU A 350 -20.19 3.99 6.17
CA LEU A 350 -19.81 2.63 6.58
C LEU A 350 -20.45 2.41 7.94
N SER A 351 -21.30 1.38 8.03
CA SER A 351 -22.04 1.05 9.25
C SER A 351 -21.87 -0.39 9.72
N TYR A 352 -22.06 -0.60 11.02
CA TYR A 352 -22.03 -1.91 11.65
C TYR A 352 -23.05 -1.95 12.81
N TRP A 353 -23.55 -3.17 13.14
CA TRP A 353 -24.52 -3.34 14.21
C TRP A 353 -23.85 -3.68 15.55
N MET A 354 -24.14 -2.88 16.57
CA MET A 354 -23.60 -3.07 17.92
C MET A 354 -24.27 -4.28 18.59
N ARG A 355 -23.46 -5.17 19.19
CA ARG A 355 -23.95 -6.36 19.90
C ARG A 355 -24.62 -5.95 21.23
N GLY A 356 -25.85 -6.43 21.43
CA GLY A 356 -26.67 -6.13 22.60
C GLY A 356 -27.87 -5.29 22.24
N SER A 357 -28.41 -4.51 23.21
CA SER A 357 -29.56 -3.61 22.98
C SER A 357 -29.66 -2.45 23.99
N LEU A 358 -30.57 -1.49 23.69
CA LEU A 358 -30.88 -0.22 24.36
C LEU A 358 -30.98 -0.22 25.90
N ALA A 359 -30.70 0.97 26.51
CA ALA A 359 -30.74 1.23 27.95
C ALA A 359 -31.38 2.60 28.24
#